data_9BLI
#
_entry.id   9BLI
#
_cell.length_a   66.502
_cell.length_b   55.322
_cell.length_c   77.900
_cell.angle_alpha   90.000
_cell.angle_beta   107.080
_cell.angle_gamma   90.000
#
_symmetry.space_group_name_H-M   'P 1 21 1'
#
loop_
_entity.id
_entity.type
_entity.pdbx_description
1 polymer 'F-actin-capping protein subunit alpha-1'
2 polymer 'F-actin-capping protein subunit beta isoforms 1 and 2'
3 polymer Integrase
4 non-polymer 'FORMIC ACID'
5 water water
#
loop_
_entity_poly.entity_id
_entity_poly.type
_entity_poly.pdbx_seq_one_letter_code
_entity_poly.pdbx_strand_id
1 'polypeptide(L)'
;MADFEDRVSDEEKVRIAAKFITHAPPGEFNEVFNDVRLLLNNDNLLREGAAHAFAQYNMDQFTPVKIEGYDDQVLITEHG
DLGNGRFLDPRNKISFKFDHLRKEASDPQPEDTESALKQWRDACDSALRAYVKDHYPNGFCTVYGKSIDGQQTIIACIES
HQFQPKNFWNGRWRSEWKFTITPPTAQVAAVLKIQVHYYEDGNVQLVSHKDIQDSVQVSSDVQTAKEFIKIIENAENEYQ
TAISENYQTMSDTTFKALRRQLPVTRTKIDWNKILSYKIGKEMQNA
;
A
2 'polypeptide(L)'
;GSEFMSDQQLDCALDLMRRLPPQQIEKNLSDLIDLVPSLCEDLLSSVDQPLKIARDKVVGKDYLLCDYNRDGDSYRSPWS
NKYDPPLEDGAMPSARLRKLEVEANNAFDQYRDLYFEGGVSSVYLWDLDHGFAGVILIKKAGDGSKKIKGCWDSIHVVEV
QEKSSGRTAHYKLTSTVMLWLQTNKTGSGTMNLGGSLTRQMEKDETVSDSSPHIANIGRLVEDMENKIRSTLNEIYFGKT
KDIVNGLR
;
B
3 'polypeptide(L)' SKREETKLTHFVRERAQGPRGRRLPAHLQAKIKRVSLDKPHS C
#
# COMPACT_ATOMS: atom_id res chain seq x y z
N ASP A 3 -24.94 19.54 -21.12
CA ASP A 3 -23.63 18.98 -20.77
C ASP A 3 -23.79 18.02 -19.58
N PHE A 4 -24.79 17.14 -19.67
CA PHE A 4 -25.01 16.16 -18.61
C PHE A 4 -23.81 15.22 -18.46
N GLU A 5 -23.26 14.74 -19.58
CA GLU A 5 -22.13 13.82 -19.51
C GLU A 5 -20.90 14.48 -18.91
N ASP A 6 -20.67 15.77 -19.19
CA ASP A 6 -19.52 16.47 -18.62
C ASP A 6 -19.69 16.67 -17.12
N ARG A 7 -20.88 17.06 -16.68
CA ARG A 7 -21.12 17.20 -15.25
C ARG A 7 -20.86 15.88 -14.53
N VAL A 8 -21.31 14.77 -15.11
CA VAL A 8 -21.06 13.46 -14.51
C VAL A 8 -19.57 13.21 -14.38
N SER A 9 -18.77 13.74 -15.32
CA SER A 9 -17.34 13.48 -15.31
C SER A 9 -16.63 14.32 -14.24
N ASP A 10 -16.98 15.60 -14.15
CA ASP A 10 -16.43 16.43 -13.08
C ASP A 10 -16.86 15.91 -11.71
N GLU A 11 -18.13 15.49 -11.58
CA GLU A 11 -18.58 14.91 -10.32
C GLU A 11 -17.81 13.64 -10.00
N GLU A 12 -17.55 12.79 -11.00
CA GLU A 12 -16.80 11.58 -10.72
C GLU A 12 -15.33 11.91 -10.43
N LYS A 13 -14.77 12.89 -11.13
CA LYS A 13 -13.38 13.26 -10.86
C LYS A 13 -13.20 13.79 -9.44
N VAL A 14 -14.14 14.62 -8.98
CA VAL A 14 -14.03 15.13 -7.62
C VAL A 14 -14.21 14.01 -6.61
N ARG A 15 -15.10 13.06 -6.90
CA ARG A 15 -15.26 11.91 -6.01
C ARG A 15 -13.97 11.10 -5.92
N ILE A 16 -13.27 10.94 -7.05
CA ILE A 16 -11.99 10.24 -7.04
C ILE A 16 -10.97 11.02 -6.23
N ALA A 17 -10.88 12.33 -6.49
CA ALA A 17 -9.93 13.17 -5.74
C ALA A 17 -10.19 13.09 -4.24
N ALA A 18 -11.45 13.13 -3.84
CA ALA A 18 -11.78 13.05 -2.42
C ALA A 18 -11.38 11.69 -1.84
N LYS A 19 -11.62 10.62 -2.60
CA LYS A 19 -11.19 9.28 -2.19
C LYS A 19 -9.69 9.21 -1.96
N PHE A 20 -8.90 9.73 -2.90
CA PHE A 20 -7.45 9.67 -2.74
C PHE A 20 -7.01 10.45 -1.51
N ILE A 21 -7.60 11.63 -1.31
CA ILE A 21 -7.20 12.49 -0.20
C ILE A 21 -7.49 11.81 1.12
N THR A 22 -8.66 11.16 1.24
CA THR A 22 -9.01 10.51 2.49
C THR A 22 -8.18 9.27 2.74
N HIS A 23 -7.49 8.73 1.72
CA HIS A 23 -6.65 7.56 1.91
C HIS A 23 -5.16 7.91 1.98
N ALA A 24 -4.84 9.18 2.20
CA ALA A 24 -3.44 9.54 2.42
C ALA A 24 -2.91 8.81 3.65
N PRO A 25 -1.67 8.35 3.63
CA PRO A 25 -1.11 7.74 4.85
C PRO A 25 -0.97 8.77 5.95
N PRO A 26 -0.85 8.32 7.19
CA PRO A 26 -0.59 9.26 8.28
C PRO A 26 0.70 10.05 8.02
N GLY A 27 0.64 11.35 8.28
CA GLY A 27 1.78 12.22 8.11
C GLY A 27 2.10 12.63 6.69
N GLU A 28 1.27 12.26 5.71
CA GLU A 28 1.56 12.55 4.31
C GLU A 28 0.36 13.21 3.61
N PHE A 29 -0.48 13.91 4.36
CA PHE A 29 -1.65 14.56 3.77
C PHE A 29 -1.23 15.61 2.74
N ASN A 30 -0.25 16.44 3.09
CA ASN A 30 0.14 17.54 2.21
C ASN A 30 0.60 17.01 0.86
N GLU A 31 1.44 15.97 0.87
CA GLU A 31 1.98 15.42 -0.36
C GLU A 31 0.87 14.85 -1.23
N VAL A 32 -0.03 14.08 -0.62
CA VAL A 32 -1.14 13.52 -1.38
C VAL A 32 -2.03 14.63 -1.91
N PHE A 33 -2.31 15.64 -1.07
CA PHE A 33 -3.14 16.74 -1.51
C PHE A 33 -2.53 17.45 -2.70
N ASN A 34 -1.23 17.73 -2.65
CA ASN A 34 -0.56 18.38 -3.78
C ASN A 34 -0.65 17.52 -5.05
N ASP A 35 -0.44 16.21 -4.91
CA ASP A 35 -0.59 15.31 -6.05
C ASP A 35 -1.97 15.45 -6.66
N VAL A 36 -2.99 15.26 -5.84
CA VAL A 36 -4.38 15.26 -6.29
C VAL A 36 -4.73 16.59 -6.94
N ARG A 37 -4.28 17.69 -6.33
CA ARG A 37 -4.58 19.01 -6.88
C ARG A 37 -4.04 19.15 -8.29
N LEU A 38 -2.76 18.80 -8.49
CA LEU A 38 -2.16 18.92 -9.81
C LEU A 38 -2.76 17.93 -10.81
N LEU A 39 -3.14 16.74 -10.34
CA LEU A 39 -3.77 15.76 -11.21
C LEU A 39 -5.18 16.18 -11.61
N LEU A 40 -5.96 16.71 -10.66
CA LEU A 40 -7.31 17.17 -11.00
C LEU A 40 -7.25 18.39 -11.89
N ASN A 41 -6.34 19.32 -11.60
CA ASN A 41 -6.14 20.49 -12.45
C ASN A 41 -7.41 21.31 -12.56
N ASN A 42 -8.05 21.56 -11.41
CA ASN A 42 -9.24 22.42 -11.36
C ASN A 42 -9.43 22.80 -9.89
N ASP A 43 -8.82 23.92 -9.50
CA ASP A 43 -8.77 24.26 -8.08
C ASP A 43 -10.13 24.58 -7.50
N ASN A 44 -11.10 24.98 -8.34
CA ASN A 44 -12.43 25.29 -7.83
C ASN A 44 -13.17 24.01 -7.50
N LEU A 45 -13.28 23.11 -8.47
CA LEU A 45 -13.79 21.77 -8.21
C LEU A 45 -13.17 21.19 -6.95
N LEU A 46 -11.88 21.47 -6.71
CA LEU A 46 -11.17 20.86 -5.61
C LEU A 46 -11.57 21.46 -4.26
N ARG A 47 -11.44 22.79 -4.11
CA ARG A 47 -11.59 23.41 -2.80
C ARG A 47 -13.02 23.38 -2.29
N GLU A 48 -13.99 23.24 -3.18
CA GLU A 48 -15.39 23.07 -2.78
C GLU A 48 -15.79 21.60 -2.79
N GLY A 49 -15.49 20.89 -3.88
CA GLY A 49 -15.89 19.50 -4.01
C GLY A 49 -15.16 18.56 -3.09
N ALA A 50 -13.96 18.92 -2.63
CA ALA A 50 -13.18 18.05 -1.78
C ALA A 50 -13.04 18.57 -0.35
N ALA A 51 -13.68 19.69 -0.01
CA ALA A 51 -13.61 20.20 1.37
C ALA A 51 -13.99 19.12 2.39
N HIS A 52 -14.96 18.26 2.03
CA HIS A 52 -15.36 17.21 2.95
C HIS A 52 -14.24 16.21 3.18
N ALA A 53 -13.38 16.02 2.17
CA ALA A 53 -12.29 15.04 2.28
C ALA A 53 -11.27 15.48 3.32
N PHE A 54 -10.98 16.78 3.40
CA PHE A 54 -10.04 17.27 4.39
C PHE A 54 -10.55 16.98 5.80
N ALA A 55 -11.83 17.29 6.05
CA ALA A 55 -12.41 17.07 7.37
C ALA A 55 -12.53 15.59 7.69
N GLN A 56 -12.91 14.79 6.71
CA GLN A 56 -13.03 13.35 6.90
C GLN A 56 -11.68 12.73 7.23
N TYR A 57 -10.64 13.08 6.47
CA TYR A 57 -9.30 12.60 6.79
C TYR A 57 -8.93 12.95 8.24
N ASN A 58 -9.11 14.22 8.62
CA ASN A 58 -8.65 14.65 9.93
C ASN A 58 -9.39 13.94 11.05
N MET A 59 -10.71 13.76 10.90
CA MET A 59 -11.49 13.06 11.91
C MET A 59 -11.21 11.56 11.88
N ASP A 60 -10.97 10.99 10.71
CA ASP A 60 -10.65 9.58 10.64
C ASP A 60 -9.31 9.29 11.27
N GLN A 61 -8.35 10.21 11.14
CA GLN A 61 -7.00 10.04 11.66
C GLN A 61 -6.85 10.46 13.12
N PHE A 62 -7.90 10.99 13.76
CA PHE A 62 -7.79 11.50 15.12
C PHE A 62 -6.66 12.54 15.21
N THR A 63 -6.61 13.42 14.22
CA THR A 63 -5.58 14.44 14.19
C THR A 63 -5.49 15.17 15.52
N PRO A 64 -4.35 15.14 16.21
CA PRO A 64 -4.23 15.93 17.45
C PRO A 64 -3.88 17.38 17.15
N VAL A 65 -4.45 18.30 17.93
CA VAL A 65 -4.25 19.72 17.71
C VAL A 65 -4.01 20.42 19.03
N LYS A 66 -3.12 21.41 19.00
CA LYS A 66 -2.76 22.22 20.16
C LYS A 66 -3.57 23.52 20.14
N ILE A 67 -4.23 23.83 21.25
CA ILE A 67 -4.97 25.07 21.41
C ILE A 67 -4.13 25.99 22.31
N GLU A 68 -3.81 27.18 21.80
CA GLU A 68 -2.98 28.09 22.57
C GLU A 68 -3.62 28.38 23.92
N GLY A 69 -2.82 28.33 24.97
CA GLY A 69 -3.30 28.58 26.32
C GLY A 69 -3.67 27.34 27.10
N TYR A 70 -3.75 26.18 26.45
CA TYR A 70 -4.05 24.92 27.12
C TYR A 70 -2.93 23.92 26.86
N ASP A 71 -2.55 23.19 27.91
CA ASP A 71 -1.37 22.34 27.82
C ASP A 71 -1.59 21.06 27.03
N ASP A 72 -2.79 20.49 27.04
CA ASP A 72 -2.99 19.18 26.45
C ASP A 72 -3.72 19.28 25.12
N GLN A 73 -3.24 18.52 24.13
CA GLN A 73 -3.84 18.53 22.81
C GLN A 73 -5.16 17.76 22.83
N VAL A 74 -6.02 18.12 21.89
CA VAL A 74 -7.34 17.52 21.73
C VAL A 74 -7.35 16.84 20.37
N LEU A 75 -8.12 15.76 20.27
CA LEU A 75 -8.24 15.04 19.01
C LEU A 75 -9.41 15.54 18.19
N ILE A 76 -9.17 15.72 16.89
CA ILE A 76 -10.21 15.99 15.92
C ILE A 76 -10.90 14.66 15.61
N THR A 77 -12.15 14.51 16.03
CA THR A 77 -12.89 13.29 15.77
C THR A 77 -14.32 13.62 15.38
N GLU A 78 -15.02 12.63 14.82
CA GLU A 78 -16.41 12.82 14.44
C GLU A 78 -17.28 13.17 15.66
N HIS A 79 -16.86 12.76 16.85
CA HIS A 79 -17.67 13.00 18.04
C HIS A 79 -17.56 14.44 18.54
N GLY A 80 -16.54 15.17 18.13
CA GLY A 80 -16.40 16.58 18.46
C GLY A 80 -16.85 17.55 17.38
N ASP A 81 -17.31 17.05 16.24
CA ASP A 81 -17.73 17.89 15.12
C ASP A 81 -19.06 18.56 15.44
N LEU A 82 -19.04 19.88 15.61
CA LEU A 82 -20.25 20.65 15.90
C LEU A 82 -21.06 21.00 14.65
N GLY A 83 -20.58 20.63 13.46
CA GLY A 83 -21.33 20.84 12.24
C GLY A 83 -21.29 22.25 11.70
N ASN A 84 -20.54 23.15 12.34
CA ASN A 84 -20.51 24.56 11.96
C ASN A 84 -19.10 25.07 11.72
N GLY A 85 -18.12 24.18 11.52
CA GLY A 85 -16.72 24.57 11.44
C GLY A 85 -15.99 24.59 12.77
N ARG A 86 -16.69 24.34 13.88
CA ARG A 86 -16.10 24.33 15.20
C ARG A 86 -16.07 22.89 15.72
N PHE A 87 -15.11 22.62 16.60
CA PHE A 87 -15.01 21.32 17.27
C PHE A 87 -15.02 21.51 18.77
N LEU A 88 -15.44 20.45 19.46
CA LEU A 88 -15.52 20.45 20.91
C LEU A 88 -14.24 19.91 21.53
N ASP A 89 -13.76 20.61 22.56
CA ASP A 89 -12.76 20.10 23.48
C ASP A 89 -13.52 19.74 24.75
N PRO A 90 -13.88 18.46 24.96
CA PRO A 90 -14.69 18.12 26.14
C PRO A 90 -13.91 18.14 27.44
N ARG A 91 -12.58 18.28 27.39
CA ARG A 91 -11.80 18.38 28.61
C ARG A 91 -11.86 19.78 29.20
N ASN A 92 -11.71 20.79 28.35
CA ASN A 92 -11.72 22.18 28.78
C ASN A 92 -13.08 22.85 28.55
N LYS A 93 -14.08 22.10 28.13
CA LYS A 93 -15.45 22.59 28.01
C LYS A 93 -15.53 23.81 27.10
N ILE A 94 -14.74 23.77 26.01
CA ILE A 94 -14.70 24.86 25.04
C ILE A 94 -14.97 24.28 23.65
N SER A 95 -15.37 25.17 22.75
CA SER A 95 -15.37 24.88 21.33
C SER A 95 -14.32 25.75 20.67
N PHE A 96 -13.87 25.34 19.50
CA PHE A 96 -12.86 26.10 18.77
C PHE A 96 -13.08 25.92 17.27
N LYS A 97 -12.83 26.99 16.53
CA LYS A 97 -12.80 26.87 15.08
C LYS A 97 -11.59 26.02 14.68
N PHE A 98 -11.78 25.15 13.69
CA PHE A 98 -10.67 24.33 13.20
C PHE A 98 -10.58 24.46 11.69
N ASP A 99 -9.44 24.93 11.22
CA ASP A 99 -9.14 25.02 9.80
C ASP A 99 -8.59 23.67 9.37
N HIS A 100 -9.40 22.88 8.66
CA HIS A 100 -9.03 21.51 8.32
C HIS A 100 -7.81 21.44 7.41
N LEU A 101 -7.58 22.46 6.60
CA LEU A 101 -6.44 22.41 5.69
C LEU A 101 -5.15 22.87 6.36
N ARG A 102 -5.22 23.92 7.17
CA ARG A 102 -4.05 24.38 7.92
C ARG A 102 -3.88 23.67 9.24
N LYS A 103 -4.87 22.87 9.65
CA LYS A 103 -4.83 22.15 10.92
C LYS A 103 -4.53 23.11 12.07
N GLU A 104 -5.31 24.19 12.11
CA GLU A 104 -5.18 25.25 13.10
C GLU A 104 -6.45 25.38 13.93
N ALA A 105 -6.29 25.41 15.24
CA ALA A 105 -7.38 25.71 16.16
C ALA A 105 -7.31 27.19 16.53
N SER A 106 -8.48 27.84 16.57
CA SER A 106 -8.54 29.24 16.94
C SER A 106 -9.86 29.52 17.67
N ASP A 107 -9.97 30.73 18.18
CA ASP A 107 -11.20 31.27 18.73
C ASP A 107 -11.84 30.37 19.79
N PRO A 108 -11.15 30.07 20.89
CA PRO A 108 -11.78 29.29 21.96
C PRO A 108 -12.94 30.06 22.56
N GLN A 109 -14.03 29.34 22.85
CA GLN A 109 -15.22 29.94 23.43
C GLN A 109 -15.84 28.94 24.39
N PRO A 110 -16.39 29.40 25.52
CA PRO A 110 -17.01 28.45 26.45
C PRO A 110 -18.12 27.67 25.77
N GLU A 111 -18.24 26.40 26.12
CA GLU A 111 -19.29 25.54 25.60
C GLU A 111 -20.00 24.92 26.78
N ASP A 112 -21.33 25.04 26.80
CA ASP A 112 -22.09 24.48 27.90
C ASP A 112 -22.29 22.99 27.66
N THR A 113 -22.06 22.19 28.70
CA THR A 113 -22.23 20.75 28.64
C THR A 113 -23.17 20.31 29.75
N GLU A 114 -23.59 19.05 29.68
CA GLU A 114 -24.60 18.51 30.58
C GLU A 114 -23.94 17.98 31.84
N SER A 115 -24.38 18.48 33.00
CA SER A 115 -23.82 18.02 34.27
C SER A 115 -24.09 16.53 34.50
N ALA A 116 -25.07 15.95 33.81
CA ALA A 116 -25.34 14.52 33.97
C ALA A 116 -24.10 13.69 33.71
N LEU A 117 -23.58 13.74 32.48
CA LEU A 117 -22.44 12.92 32.10
C LEU A 117 -21.10 13.51 32.54
N LYS A 118 -21.09 14.69 33.18
CA LYS A 118 -19.86 15.43 33.38
C LYS A 118 -18.87 14.67 34.27
N GLN A 119 -19.32 14.21 35.42
CA GLN A 119 -18.41 13.55 36.35
C GLN A 119 -17.99 12.18 35.84
N TRP A 120 -18.88 11.50 35.11
CA TRP A 120 -18.46 10.25 34.47
C TRP A 120 -17.39 10.52 33.43
N ARG A 121 -17.58 11.58 32.64
CA ARG A 121 -16.61 11.91 31.59
C ARG A 121 -15.28 12.32 32.19
N ASP A 122 -15.31 13.22 33.19
CA ASP A 122 -14.08 13.71 33.79
C ASP A 122 -13.29 12.56 34.40
N ALA A 123 -13.98 11.66 35.11
CA ALA A 123 -13.26 10.55 35.74
C ALA A 123 -12.61 9.65 34.70
N CYS A 124 -13.31 9.36 33.59
CA CYS A 124 -12.73 8.54 32.54
C CYS A 124 -11.55 9.25 31.88
N ASP A 125 -11.65 10.56 31.70
CA ASP A 125 -10.56 11.33 31.12
C ASP A 125 -9.32 11.28 32.01
N SER A 126 -9.51 11.54 33.31
CA SER A 126 -8.38 11.51 34.24
C SER A 126 -7.70 10.15 34.22
N ALA A 127 -8.48 9.07 34.29
CA ALA A 127 -7.89 7.75 34.25
C ALA A 127 -7.23 7.49 32.90
N LEU A 128 -7.86 7.92 31.81
CA LEU A 128 -7.32 7.63 30.48
C LEU A 128 -6.02 8.39 30.23
N ARG A 129 -5.94 9.65 30.69
CA ARG A 129 -4.72 10.41 30.48
C ARG A 129 -3.53 9.76 31.16
N ALA A 130 -3.73 9.27 32.40
CA ALA A 130 -2.66 8.61 33.11
C ALA A 130 -2.26 7.31 32.41
N TYR A 131 -3.25 6.57 31.91
CA TYR A 131 -2.97 5.36 31.14
C TYR A 131 -2.14 5.68 29.89
N VAL A 132 -2.53 6.72 29.14
CA VAL A 132 -1.83 7.05 27.90
C VAL A 132 -0.40 7.51 28.19
N LYS A 133 -0.23 8.36 29.19
CA LYS A 133 1.10 8.83 29.53
C LYS A 133 2.04 7.67 29.83
N ASP A 134 1.53 6.59 30.42
CA ASP A 134 2.38 5.46 30.79
C ASP A 134 2.61 4.49 29.62
N HIS A 135 1.63 4.36 28.72
CA HIS A 135 1.67 3.30 27.73
C HIS A 135 2.10 3.75 26.34
N TYR A 136 2.23 5.06 26.11
CA TYR A 136 2.61 5.59 24.80
C TYR A 136 3.77 6.57 24.96
N PRO A 137 4.65 6.66 23.97
CA PRO A 137 5.71 7.67 24.05
C PRO A 137 5.17 9.09 24.06
N ASN A 138 4.27 9.41 23.14
CA ASN A 138 3.71 10.76 23.05
C ASN A 138 2.28 10.64 22.53
N GLY A 139 1.44 9.95 23.29
CA GLY A 139 0.05 9.78 22.92
C GLY A 139 -0.82 10.91 23.40
N PHE A 140 -1.98 11.01 22.76
CA PHE A 140 -2.99 12.00 23.09
C PHE A 140 -4.34 11.28 23.18
N CYS A 141 -5.25 11.84 23.97
CA CYS A 141 -6.56 11.22 24.10
C CYS A 141 -7.63 12.28 24.35
N THR A 142 -8.87 11.91 24.04
CA THR A 142 -10.02 12.77 24.23
C THR A 142 -11.22 11.89 24.56
N VAL A 143 -11.99 12.30 25.57
CA VAL A 143 -13.11 11.52 26.08
C VAL A 143 -14.37 12.38 25.99
N TYR A 144 -15.42 11.82 25.36
CA TYR A 144 -16.68 12.51 25.17
C TYR A 144 -17.78 11.84 25.99
N GLY A 145 -18.78 12.63 26.36
CA GLY A 145 -19.98 12.11 27.03
C GLY A 145 -21.24 12.66 26.41
N LYS A 146 -22.07 11.77 25.85
CA LYS A 146 -23.24 12.17 25.08
C LYS A 146 -24.41 11.22 25.33
N SER A 147 -25.62 11.74 25.14
CA SER A 147 -26.83 10.91 25.07
C SER A 147 -27.07 10.56 23.60
N ILE A 148 -26.98 9.28 23.28
CA ILE A 148 -26.89 8.80 21.90
C ILE A 148 -27.96 7.75 21.69
N ASP A 149 -28.86 8.01 20.73
CA ASP A 149 -29.98 7.13 20.43
C ASP A 149 -30.72 6.70 21.69
N GLY A 150 -30.62 7.48 22.76
CA GLY A 150 -31.36 7.22 23.99
C GLY A 150 -30.57 6.64 25.14
N GLN A 151 -29.25 6.90 25.22
CA GLN A 151 -28.43 6.30 26.25
C GLN A 151 -27.23 7.18 26.57
N GLN A 152 -26.94 7.32 27.86
CA GLN A 152 -25.73 8.03 28.29
C GLN A 152 -24.49 7.23 27.91
N THR A 153 -23.61 7.84 27.11
CA THR A 153 -22.50 7.12 26.50
C THR A 153 -21.18 7.85 26.73
N ILE A 154 -20.12 7.07 26.98
CA ILE A 154 -18.76 7.57 27.07
C ILE A 154 -17.99 7.05 25.87
N ILE A 155 -17.27 7.94 25.19
CA ILE A 155 -16.52 7.61 23.98
C ILE A 155 -15.09 8.09 24.21
N ALA A 156 -14.16 7.15 24.35
CA ALA A 156 -12.75 7.45 24.55
C ALA A 156 -11.96 7.19 23.28
N CYS A 157 -11.12 8.14 22.90
CA CYS A 157 -10.33 8.11 21.68
C CYS A 157 -8.86 8.32 22.04
N ILE A 158 -7.99 7.51 21.45
CA ILE A 158 -6.56 7.56 21.68
C ILE A 158 -5.84 7.62 20.34
N GLU A 159 -4.79 8.45 20.26
CA GLU A 159 -3.99 8.60 19.07
C GLU A 159 -2.51 8.59 19.45
N SER A 160 -1.67 8.06 18.55
CA SER A 160 -0.23 8.08 18.75
C SER A 160 0.46 7.91 17.39
N HIS A 161 1.34 8.85 17.04
CA HIS A 161 2.00 8.78 15.74
C HIS A 161 3.49 9.04 15.87
N GLN A 162 4.22 8.58 14.86
CA GLN A 162 5.63 8.89 14.68
C GLN A 162 5.82 9.12 13.18
N PHE A 163 6.24 10.33 12.83
CA PHE A 163 6.44 10.77 11.46
C PHE A 163 7.94 10.94 11.24
N GLN A 164 8.50 10.26 10.25
CA GLN A 164 9.92 10.43 9.92
C GLN A 164 10.08 10.46 8.41
N PRO A 165 9.51 11.48 7.77
CA PRO A 165 9.58 11.54 6.31
C PRO A 165 11.00 11.55 5.77
N LYS A 166 11.96 12.10 6.51
CA LYS A 166 13.34 12.10 6.01
C LYS A 166 13.88 10.68 5.89
N ASN A 167 13.35 9.74 6.66
CA ASN A 167 13.67 8.32 6.56
C ASN A 167 12.59 7.55 5.82
N PHE A 168 11.64 8.24 5.20
CA PHE A 168 10.63 7.61 4.34
C PHE A 168 9.75 6.64 5.11
N TRP A 169 9.31 7.03 6.30
CA TRP A 169 8.30 6.24 6.97
C TRP A 169 7.50 7.09 7.96
N ASN A 170 6.25 6.67 8.15
CA ASN A 170 5.32 7.28 9.09
C ASN A 170 4.43 6.17 9.63
N GLY A 171 4.01 6.31 10.90
CA GLY A 171 3.07 5.36 11.47
C GLY A 171 2.09 6.03 12.42
N ARG A 172 0.94 5.39 12.58
CA ARG A 172 -0.05 5.88 13.53
C ARG A 172 -0.86 4.75 14.14
N TRP A 173 -1.12 4.91 15.43
CA TRP A 173 -2.01 4.04 16.22
C TRP A 173 -3.25 4.86 16.58
N ARG A 174 -4.43 4.28 16.38
CA ARG A 174 -5.69 4.86 16.83
C ARG A 174 -6.50 3.79 17.54
N SER A 175 -7.19 4.17 18.61
CA SER A 175 -8.16 3.29 19.24
C SER A 175 -9.34 4.11 19.73
N GLU A 176 -10.52 3.51 19.66
CA GLU A 176 -11.77 4.15 20.04
C GLU A 176 -12.61 3.17 20.83
N TRP A 177 -13.16 3.63 21.96
CA TRP A 177 -13.78 2.79 22.97
C TRP A 177 -15.09 3.43 23.37
N LYS A 178 -16.19 2.66 23.36
CA LYS A 178 -17.48 3.18 23.77
C LYS A 178 -18.20 2.26 24.73
N PHE A 179 -18.85 2.86 25.73
CA PHE A 179 -19.74 2.13 26.63
C PHE A 179 -20.83 3.06 27.11
N THR A 180 -21.99 2.48 27.42
CA THR A 180 -23.13 3.23 27.96
C THR A 180 -23.18 3.07 29.48
N ILE A 181 -23.64 4.12 30.14
CA ILE A 181 -23.69 4.13 31.61
C ILE A 181 -25.03 3.49 31.98
N THR A 182 -25.05 2.15 31.98
CA THR A 182 -26.25 1.34 32.21
C THR A 182 -25.97 0.36 33.33
N PRO A 183 -26.14 0.79 34.58
CA PRO A 183 -25.89 -0.12 35.69
C PRO A 183 -26.77 -1.35 35.59
N PRO A 184 -26.30 -2.50 36.06
CA PRO A 184 -24.99 -2.77 36.69
C PRO A 184 -23.85 -3.06 35.72
N THR A 185 -24.15 -3.50 34.50
CA THR A 185 -23.12 -3.96 33.57
C THR A 185 -23.42 -3.40 32.19
N ALA A 186 -22.41 -2.82 31.56
CA ALA A 186 -22.55 -2.19 30.27
C ALA A 186 -21.65 -2.86 29.24
N GLN A 187 -22.12 -2.85 28.01
CA GLN A 187 -21.35 -3.38 26.90
C GLN A 187 -20.29 -2.37 26.48
N VAL A 188 -19.09 -2.88 26.24
CA VAL A 188 -17.98 -2.08 25.73
C VAL A 188 -17.75 -2.50 24.28
N ALA A 189 -17.70 -1.53 23.38
CA ALA A 189 -17.34 -1.77 21.99
C ALA A 189 -16.14 -0.90 21.64
N ALA A 190 -15.22 -1.46 20.86
CA ALA A 190 -14.03 -0.68 20.51
C ALA A 190 -13.45 -1.17 19.19
N VAL A 191 -12.63 -0.31 18.59
CA VAL A 191 -11.84 -0.66 17.43
C VAL A 191 -10.42 -0.16 17.65
N LEU A 192 -9.45 -1.02 17.35
CA LEU A 192 -8.04 -0.71 17.42
C LEU A 192 -7.48 -0.69 16.00
N LYS A 193 -6.62 0.28 15.71
CA LYS A 193 -6.15 0.47 14.34
C LYS A 193 -4.67 0.83 14.33
N ILE A 194 -3.95 0.24 13.39
CA ILE A 194 -2.55 0.56 13.15
C ILE A 194 -2.34 0.77 11.66
N GLN A 195 -1.56 1.78 11.31
CA GLN A 195 -1.14 1.99 9.94
C GLN A 195 0.31 2.44 9.93
N VAL A 196 1.11 1.77 9.11
CA VAL A 196 2.53 2.05 8.97
C VAL A 196 2.86 2.09 7.50
N HIS A 197 3.60 3.11 7.08
CA HIS A 197 3.97 3.30 5.68
C HIS A 197 5.47 3.45 5.60
N TYR A 198 6.10 2.63 4.76
CA TYR A 198 7.53 2.72 4.45
C TYR A 198 7.67 2.88 2.95
N TYR A 199 8.47 3.85 2.51
CA TYR A 199 8.47 4.18 1.09
C TYR A 199 9.83 4.62 0.58
N GLU A 200 10.92 4.03 1.11
CA GLU A 200 12.23 4.21 0.50
C GLU A 200 12.34 3.23 -0.67
N ASP A 201 12.37 3.76 -1.89
CA ASP A 201 12.46 2.94 -3.11
C ASP A 201 11.33 1.92 -3.18
N GLY A 202 10.16 2.27 -2.64
CA GLY A 202 9.02 1.41 -2.74
C GLY A 202 7.84 1.97 -1.99
N ASN A 203 6.91 1.09 -1.67
CA ASN A 203 5.69 1.46 -0.96
C ASN A 203 5.21 0.21 -0.25
N VAL A 204 5.45 0.13 1.05
CA VAL A 204 5.03 -0.99 1.89
C VAL A 204 4.17 -0.43 3.00
N GLN A 205 3.02 -1.05 3.24
CA GLN A 205 2.10 -0.56 4.26
C GLN A 205 1.55 -1.71 5.08
N LEU A 206 1.59 -1.53 6.40
CA LEU A 206 0.80 -2.34 7.30
C LEU A 206 -0.52 -1.64 7.56
N VAL A 207 -1.61 -2.36 7.34
CA VAL A 207 -2.95 -1.92 7.70
C VAL A 207 -3.53 -3.00 8.58
N SER A 208 -3.92 -2.63 9.79
CA SER A 208 -4.43 -3.59 10.77
C SER A 208 -5.56 -2.96 11.55
N HIS A 209 -6.54 -3.77 11.91
CA HIS A 209 -7.57 -3.31 12.82
C HIS A 209 -8.14 -4.51 13.57
N LYS A 210 -8.60 -4.24 14.78
CA LYS A 210 -9.23 -5.26 15.61
C LYS A 210 -10.47 -4.69 16.25
N ASP A 211 -11.59 -5.41 16.13
CA ASP A 211 -12.82 -5.07 16.80
C ASP A 211 -12.86 -5.75 18.16
N ILE A 212 -13.37 -5.05 19.17
CA ILE A 212 -13.43 -5.55 20.52
C ILE A 212 -14.86 -5.47 21.03
N GLN A 213 -15.31 -6.53 21.69
CA GLN A 213 -16.52 -6.51 22.49
C GLN A 213 -16.17 -7.04 23.89
N ASP A 214 -16.56 -6.28 24.91
CA ASP A 214 -16.30 -6.66 26.29
C ASP A 214 -17.45 -6.12 27.13
N SER A 215 -17.35 -6.29 28.44
CA SER A 215 -18.33 -5.73 29.36
C SER A 215 -17.60 -5.14 30.56
N VAL A 216 -18.20 -4.12 31.16
CA VAL A 216 -17.62 -3.39 32.27
C VAL A 216 -18.68 -3.21 33.34
N GLN A 217 -18.29 -3.36 34.60
CA GLN A 217 -19.20 -3.08 35.70
C GLN A 217 -19.34 -1.57 35.86
N VAL A 218 -20.58 -1.10 35.89
CA VAL A 218 -20.88 0.32 36.04
C VAL A 218 -21.35 0.55 37.46
N SER A 219 -20.57 1.30 38.23
CA SER A 219 -20.94 1.61 39.61
C SER A 219 -20.79 3.10 39.83
N SER A 220 -19.71 3.51 40.49
CA SER A 220 -19.40 4.92 40.66
C SER A 220 -18.58 5.43 39.48
N ASP A 221 -18.52 6.76 39.34
CA ASP A 221 -17.74 7.33 38.25
C ASP A 221 -16.28 6.90 38.35
N VAL A 222 -15.70 6.99 39.54
CA VAL A 222 -14.28 6.71 39.70
C VAL A 222 -13.97 5.21 39.56
N GLN A 223 -14.81 4.35 40.14
CA GLN A 223 -14.56 2.92 40.01
C GLN A 223 -14.79 2.45 38.58
N THR A 224 -15.87 2.88 37.95
CA THR A 224 -16.12 2.50 36.55
C THR A 224 -14.96 2.95 35.66
N ALA A 225 -14.41 4.13 35.94
CA ALA A 225 -13.30 4.64 35.14
C ALA A 225 -12.07 3.75 35.30
N LYS A 226 -11.82 3.26 36.51
CA LYS A 226 -10.71 2.34 36.73
C LYS A 226 -10.91 1.06 35.94
N GLU A 227 -12.12 0.48 36.01
CA GLU A 227 -12.40 -0.76 35.31
C GLU A 227 -12.33 -0.58 33.80
N PHE A 228 -12.78 0.58 33.31
CA PHE A 228 -12.75 0.86 31.88
C PHE A 228 -11.32 0.88 31.36
N ILE A 229 -10.42 1.59 32.05
CA ILE A 229 -9.02 1.63 31.63
C ILE A 229 -8.38 0.25 31.72
N LYS A 230 -8.79 -0.56 32.71
CA LYS A 230 -8.27 -1.93 32.81
C LYS A 230 -8.64 -2.72 31.56
N ILE A 231 -9.88 -2.59 31.09
CA ILE A 231 -10.29 -3.27 29.87
C ILE A 231 -9.48 -2.76 28.69
N ILE A 232 -9.19 -1.45 28.68
CA ILE A 232 -8.47 -0.87 27.54
C ILE A 232 -7.04 -1.39 27.52
N GLU A 233 -6.39 -1.38 28.68
CA GLU A 233 -5.01 -1.86 28.78
C GLU A 233 -4.89 -3.31 28.36
N ASN A 234 -5.77 -4.15 28.90
CA ASN A 234 -5.71 -5.58 28.58
C ASN A 234 -5.85 -5.80 27.08
N ALA A 235 -6.79 -5.12 26.45
CA ALA A 235 -7.06 -5.40 25.04
C ALA A 235 -5.99 -4.81 24.13
N GLU A 236 -5.46 -3.62 24.46
CA GLU A 236 -4.43 -3.02 23.63
C GLU A 236 -3.12 -3.79 23.73
N ASN A 237 -2.78 -4.23 24.95
CA ASN A 237 -1.61 -5.10 25.15
C ASN A 237 -1.77 -6.42 24.41
N GLU A 238 -2.95 -7.05 24.48
CA GLU A 238 -3.13 -8.31 23.78
C GLU A 238 -2.99 -8.12 22.27
N TYR A 239 -3.58 -7.04 21.74
CA TYR A 239 -3.51 -6.76 20.31
C TYR A 239 -2.07 -6.55 19.87
N GLN A 240 -1.32 -5.72 20.60
CA GLN A 240 0.06 -5.45 20.21
C GLN A 240 0.92 -6.69 20.30
N THR A 241 0.70 -7.54 21.31
CA THR A 241 1.45 -8.78 21.42
C THR A 241 1.11 -9.73 20.28
N ALA A 242 -0.15 -9.80 19.91
CA ALA A 242 -0.56 -10.66 18.79
C ALA A 242 0.09 -10.19 17.50
N ILE A 243 0.19 -8.87 17.30
CA ILE A 243 0.86 -8.35 16.11
C ILE A 243 2.29 -8.86 16.04
N SER A 244 3.05 -8.72 17.14
CA SER A 244 4.44 -9.15 17.13
C SER A 244 4.56 -10.65 16.89
N GLU A 245 3.71 -11.45 17.53
CA GLU A 245 3.74 -12.89 17.29
C GLU A 245 3.47 -13.22 15.82
N ASN A 246 2.54 -12.51 15.19
CA ASN A 246 2.29 -12.75 13.77
C ASN A 246 3.50 -12.33 12.93
N TYR A 247 4.10 -11.18 13.25
CA TYR A 247 5.35 -10.80 12.60
C TYR A 247 6.37 -11.94 12.65
N GLN A 248 6.56 -12.53 13.83
CA GLN A 248 7.52 -13.63 13.96
C GLN A 248 7.13 -14.80 13.05
N THR A 249 5.85 -15.20 13.05
CA THR A 249 5.46 -16.32 12.19
C THR A 249 5.65 -15.98 10.71
N MET A 250 5.33 -14.74 10.32
CA MET A 250 5.55 -14.33 8.93
C MET A 250 7.02 -14.47 8.54
N SER A 251 7.92 -14.04 9.42
CA SER A 251 9.34 -14.09 9.12
C SER A 251 9.85 -15.52 9.03
N ASP A 252 9.50 -16.36 10.00
CA ASP A 252 10.16 -17.66 10.09
C ASP A 252 9.38 -18.80 9.43
N THR A 253 8.20 -18.53 8.88
CA THR A 253 7.42 -19.57 8.21
C THR A 253 6.85 -19.09 6.87
N THR A 254 5.93 -18.13 6.91
CA THR A 254 5.24 -17.68 5.70
C THR A 254 6.23 -17.24 4.63
N PHE A 255 7.16 -16.35 5.00
CA PHE A 255 8.10 -15.81 4.02
C PHE A 255 8.91 -16.91 3.35
N LYS A 256 9.33 -17.92 4.13
CA LYS A 256 10.17 -18.97 3.59
C LYS A 256 9.42 -19.92 2.66
N ALA A 257 8.10 -19.98 2.74
CA ALA A 257 7.33 -20.78 1.80
C ALA A 257 7.15 -20.07 0.46
N LEU A 258 7.65 -18.85 0.31
CA LEU A 258 7.50 -18.14 -0.95
C LEU A 258 8.71 -18.43 -1.82
N ARG A 259 9.81 -17.73 -1.60
CA ARG A 259 11.04 -17.98 -2.33
C ARG A 259 12.12 -18.48 -1.39
N ARG A 260 12.88 -19.47 -1.85
CA ARG A 260 14.05 -19.92 -1.11
C ARG A 260 15.19 -18.89 -1.18
N GLN A 261 16.08 -18.96 -0.19
CA GLN A 261 17.33 -18.24 -0.28
C GLN A 261 18.22 -18.78 -1.39
N LEU A 262 18.31 -20.10 -1.50
CA LEU A 262 19.05 -20.79 -2.54
C LEU A 262 18.28 -22.05 -2.92
N PRO A 263 18.49 -22.57 -4.13
CA PRO A 263 17.90 -23.87 -4.49
C PRO A 263 18.32 -24.97 -3.53
N VAL A 264 17.65 -26.12 -3.66
CA VAL A 264 17.93 -27.24 -2.77
CA VAL A 264 17.93 -27.25 -2.78
C VAL A 264 19.37 -27.72 -2.95
N THR A 265 20.00 -27.36 -4.06
CA THR A 265 21.39 -27.71 -4.29
C THR A 265 22.32 -26.96 -3.34
N ARG A 266 21.84 -25.90 -2.70
CA ARG A 266 22.68 -25.04 -1.86
C ARG A 266 23.79 -24.39 -2.67
N THR A 267 23.55 -24.18 -3.97
CA THR A 267 24.47 -23.44 -4.83
CA THR A 267 24.47 -23.44 -4.83
C THR A 267 23.68 -22.49 -5.71
N LYS A 268 24.34 -21.41 -6.13
CA LYS A 268 23.73 -20.55 -7.13
C LYS A 268 23.61 -21.31 -8.45
N ILE A 269 22.82 -20.75 -9.36
CA ILE A 269 22.44 -21.49 -10.56
C ILE A 269 23.61 -21.59 -11.52
N ASP A 270 23.81 -22.79 -12.07
CA ASP A 270 24.73 -23.01 -13.18
C ASP A 270 23.95 -22.77 -14.46
N TRP A 271 24.06 -21.56 -15.01
CA TRP A 271 23.22 -21.20 -16.15
C TRP A 271 23.61 -21.96 -17.41
N ASN A 272 24.86 -22.42 -17.52
CA ASN A 272 25.24 -23.25 -18.66
C ASN A 272 24.48 -24.56 -18.65
N LYS A 273 24.27 -25.15 -17.47
CA LYS A 273 23.49 -26.39 -17.40
C LYS A 273 22.01 -26.15 -17.67
N ILE A 274 21.50 -24.98 -17.27
CA ILE A 274 20.10 -24.69 -17.56
C ILE A 274 19.88 -24.55 -19.06
N LEU A 275 20.88 -24.10 -19.80
CA LEU A 275 20.71 -23.79 -21.23
C LEU A 275 21.16 -24.92 -22.16
N SER A 276 21.55 -26.07 -21.63
CA SER A 276 21.97 -27.17 -22.51
C SER A 276 21.01 -28.36 -22.44
N GLY B 1 3.76 6.36 -23.83
CA GLY B 1 4.25 7.25 -24.91
C GLY B 1 5.39 8.16 -24.48
N SER B 2 5.44 8.52 -23.20
CA SER B 2 6.41 9.50 -22.71
C SER B 2 6.43 10.73 -23.61
N GLU B 3 5.26 11.32 -23.85
CA GLU B 3 5.18 12.37 -24.85
C GLU B 3 5.71 13.70 -24.36
N PHE B 4 5.77 13.92 -23.05
CA PHE B 4 6.21 15.19 -22.49
C PHE B 4 7.52 15.03 -21.76
N MET B 5 8.43 15.98 -21.97
CA MET B 5 9.70 15.96 -21.26
C MET B 5 9.53 16.50 -19.85
N SER B 6 8.83 17.62 -19.72
CA SER B 6 8.37 18.14 -18.43
C SER B 6 6.91 17.74 -18.26
N ASP B 7 6.64 16.87 -17.28
CA ASP B 7 5.30 16.34 -17.06
C ASP B 7 5.08 16.26 -15.55
N GLN B 8 4.63 17.37 -14.96
CA GLN B 8 4.47 17.41 -13.50
C GLN B 8 3.34 16.49 -13.06
N GLN B 9 2.31 16.31 -13.89
CA GLN B 9 1.23 15.39 -13.54
C GLN B 9 1.73 13.95 -13.47
N LEU B 10 2.60 13.56 -14.40
CA LEU B 10 3.13 12.21 -14.35
C LEU B 10 3.92 11.99 -13.06
N ASP B 11 4.75 12.97 -12.69
CA ASP B 11 5.52 12.85 -11.44
C ASP B 11 4.59 12.75 -10.24
N CYS B 12 3.52 13.54 -10.23
CA CYS B 12 2.57 13.49 -9.12
C CYS B 12 1.82 12.16 -9.09
N ALA B 13 1.50 11.61 -10.26
CA ALA B 13 0.84 10.32 -10.28
C ALA B 13 1.73 9.23 -9.68
N LEU B 14 3.01 9.22 -10.05
CA LEU B 14 3.91 8.21 -9.51
C LEU B 14 4.16 8.45 -8.02
N ASP B 15 4.33 9.72 -7.62
CA ASP B 15 4.41 10.03 -6.21
C ASP B 15 3.15 9.55 -5.47
N LEU B 16 1.97 9.77 -6.05
CA LEU B 16 0.73 9.36 -5.38
C LEU B 16 0.67 7.85 -5.20
N MET B 17 1.11 7.09 -6.21
CA MET B 17 1.06 5.63 -6.10
C MET B 17 2.13 5.07 -5.17
N ARG B 18 3.13 5.86 -4.79
CA ARG B 18 4.02 5.48 -3.69
C ARG B 18 3.38 5.70 -2.32
N ARG B 19 2.20 6.33 -2.26
CA ARG B 19 1.59 6.68 -0.98
C ARG B 19 0.24 6.06 -0.72
N LEU B 20 -0.59 5.84 -1.75
CA LEU B 20 -1.86 5.17 -1.50
C LEU B 20 -1.62 3.70 -1.15
N PRO B 21 -2.52 3.10 -0.38
CA PRO B 21 -2.31 1.71 0.06
C PRO B 21 -2.12 0.78 -1.13
N PRO B 22 -1.02 0.03 -1.16
CA PRO B 22 -0.81 -0.91 -2.27
C PRO B 22 -1.86 -1.98 -2.34
N GLN B 23 -2.62 -2.18 -1.26
CA GLN B 23 -3.69 -3.16 -1.26
C GLN B 23 -4.80 -2.80 -2.24
N GLN B 24 -4.85 -1.55 -2.73
CA GLN B 24 -5.89 -1.10 -3.63
C GLN B 24 -5.32 -0.52 -4.92
N ILE B 25 -4.15 -1.02 -5.34
CA ILE B 25 -3.49 -0.50 -6.54
C ILE B 25 -4.43 -0.55 -7.75
N GLU B 26 -5.08 -1.70 -7.97
CA GLU B 26 -5.84 -1.86 -9.21
C GLU B 26 -6.94 -0.81 -9.34
N LYS B 27 -7.77 -0.68 -8.31
CA LYS B 27 -8.82 0.33 -8.33
C LYS B 27 -8.24 1.75 -8.36
N ASN B 28 -7.21 2.00 -7.56
CA ASN B 28 -6.62 3.34 -7.55
C ASN B 28 -6.05 3.69 -8.92
N LEU B 29 -5.35 2.75 -9.57
CA LEU B 29 -4.77 3.03 -10.88
C LEU B 29 -5.85 3.37 -11.90
N SER B 30 -6.98 2.65 -11.87
CA SER B 30 -8.05 2.92 -12.82
C SER B 30 -8.68 4.28 -12.56
N ASP B 31 -8.91 4.64 -11.29
CA ASP B 31 -9.42 5.96 -10.98
C ASP B 31 -8.39 7.04 -11.33
N LEU B 32 -7.11 6.74 -11.14
CA LEU B 32 -6.06 7.72 -11.46
C LEU B 32 -6.06 8.04 -12.95
N ILE B 33 -6.24 7.02 -13.79
CA ILE B 33 -6.27 7.25 -15.24
C ILE B 33 -7.54 8.01 -15.63
N ASP B 34 -8.64 7.84 -14.87
CA ASP B 34 -9.82 8.67 -15.12
C ASP B 34 -9.49 10.14 -14.93
N LEU B 35 -8.60 10.45 -13.98
CA LEU B 35 -8.24 11.83 -13.71
C LEU B 35 -7.33 12.39 -14.80
N VAL B 36 -6.43 11.57 -15.31
CA VAL B 36 -5.45 12.02 -16.31
C VAL B 36 -5.42 10.99 -17.43
N PRO B 37 -6.47 10.90 -18.24
CA PRO B 37 -6.53 9.85 -19.26
C PRO B 37 -5.40 9.91 -20.26
N SER B 38 -4.78 11.07 -20.46
CA SER B 38 -3.71 11.18 -21.43
C SER B 38 -2.41 10.56 -20.93
N LEU B 39 -2.35 10.15 -19.67
CA LEU B 39 -1.23 9.39 -19.14
C LEU B 39 -1.53 7.90 -19.08
N CYS B 40 -2.60 7.47 -19.72
CA CYS B 40 -3.02 6.07 -19.62
C CYS B 40 -1.89 5.11 -19.96
N GLU B 41 -1.23 5.31 -21.11
CA GLU B 41 -0.20 4.35 -21.52
C GLU B 41 1.00 4.42 -20.59
N ASP B 42 1.35 5.63 -20.13
CA ASP B 42 2.48 5.76 -19.23
C ASP B 42 2.22 5.06 -17.90
N LEU B 43 1.01 5.21 -17.37
CA LEU B 43 0.70 4.66 -16.05
C LEU B 43 0.51 3.15 -16.10
N LEU B 44 -0.13 2.65 -17.15
CA LEU B 44 -0.26 1.20 -17.30
C LEU B 44 1.11 0.54 -17.36
N SER B 45 2.07 1.21 -18.01
CA SER B 45 3.42 0.67 -18.13
C SER B 45 4.26 0.86 -16.89
N SER B 46 3.96 1.88 -16.07
CA SER B 46 4.87 2.29 -15.01
C SER B 46 4.39 1.94 -13.60
N VAL B 47 3.13 1.62 -13.42
CA VAL B 47 2.58 1.34 -12.09
C VAL B 47 2.43 -0.16 -12.00
N ASP B 48 3.21 -0.77 -11.13
CA ASP B 48 3.20 -2.22 -10.99
C ASP B 48 1.97 -2.67 -10.21
N GLN B 49 1.34 -3.73 -10.70
CA GLN B 49 0.15 -4.30 -10.09
C GLN B 49 0.40 -5.78 -9.77
N PRO B 50 -0.31 -6.31 -8.77
CA PRO B 50 -0.26 -7.76 -8.52
C PRO B 50 -0.59 -8.54 -9.79
N LEU B 51 0.16 -9.60 -10.03
CA LEU B 51 0.06 -10.33 -11.28
C LEU B 51 -1.15 -11.24 -11.30
N LYS B 52 -1.79 -11.33 -12.45
CA LYS B 52 -2.93 -12.21 -12.65
C LYS B 52 -2.48 -13.41 -13.48
N ILE B 53 -3.12 -14.56 -13.22
CA ILE B 53 -2.79 -15.81 -13.87
C ILE B 53 -3.89 -16.15 -14.86
N ALA B 54 -3.50 -16.48 -16.08
CA ALA B 54 -4.43 -17.00 -17.08
C ALA B 54 -3.98 -18.38 -17.52
N ARG B 55 -4.90 -19.08 -18.17
CA ARG B 55 -4.69 -20.43 -18.65
C ARG B 55 -4.61 -20.40 -20.17
N ASP B 56 -3.46 -20.81 -20.72
CA ASP B 56 -3.35 -21.05 -22.15
C ASP B 56 -4.04 -22.37 -22.46
N LYS B 57 -5.21 -22.31 -23.11
CA LYS B 57 -6.03 -23.50 -23.31
C LYS B 57 -5.56 -24.36 -24.47
N VAL B 58 -4.63 -23.88 -25.29
CA VAL B 58 -4.07 -24.72 -26.34
C VAL B 58 -3.06 -25.70 -25.75
N VAL B 59 -2.17 -25.21 -24.88
CA VAL B 59 -1.12 -26.06 -24.32
C VAL B 59 -1.45 -26.55 -22.92
N GLY B 60 -2.47 -26.01 -22.26
CA GLY B 60 -2.76 -26.40 -20.90
C GLY B 60 -1.78 -25.89 -19.88
N LYS B 61 -1.17 -24.72 -20.11
CA LYS B 61 -0.21 -24.14 -19.18
C LYS B 61 -0.71 -22.77 -18.74
N ASP B 62 -0.47 -22.45 -17.47
CA ASP B 62 -0.73 -21.11 -16.97
C ASP B 62 0.32 -20.12 -17.46
N TYR B 63 -0.08 -18.85 -17.58
CA TYR B 63 0.86 -17.78 -17.86
C TYR B 63 0.40 -16.53 -17.12
N LEU B 64 1.32 -15.59 -16.99
CA LEU B 64 1.10 -14.38 -16.19
C LEU B 64 0.78 -13.20 -17.08
N LEU B 65 -0.12 -12.35 -16.58
CA LEU B 65 -0.61 -11.20 -17.29
C LEU B 65 0.09 -9.95 -16.77
N CYS B 66 0.41 -9.05 -17.69
CA CYS B 66 0.94 -7.73 -17.35
C CYS B 66 0.68 -6.83 -18.55
N ASP B 67 1.00 -5.55 -18.40
CA ASP B 67 0.80 -4.65 -19.53
C ASP B 67 1.63 -5.08 -20.74
N TYR B 68 2.79 -5.70 -20.51
CA TYR B 68 3.74 -5.91 -21.61
C TYR B 68 3.31 -7.01 -22.58
N ASN B 69 2.40 -7.91 -22.20
CA ASN B 69 1.87 -8.87 -23.17
C ASN B 69 0.40 -8.61 -23.49
N ARG B 70 -0.06 -7.38 -23.28
CA ARG B 70 -1.43 -6.98 -23.56
C ARG B 70 -1.51 -6.20 -24.86
N ASP B 71 -2.62 -6.39 -25.58
CA ASP B 71 -2.96 -5.56 -26.73
C ASP B 71 -4.48 -5.46 -26.72
N GLY B 72 -5.02 -4.27 -26.57
CA GLY B 72 -6.44 -4.14 -26.30
C GLY B 72 -6.77 -4.79 -24.97
N ASP B 73 -7.70 -5.75 -25.01
CA ASP B 73 -8.04 -6.56 -23.85
C ASP B 73 -7.55 -8.00 -24.00
N SER B 74 -6.72 -8.28 -24.98
CA SER B 74 -6.18 -9.61 -25.23
C SER B 74 -4.76 -9.72 -24.70
N TYR B 75 -4.39 -10.93 -24.28
CA TYR B 75 -3.07 -11.21 -23.75
C TYR B 75 -2.42 -12.34 -24.53
N ARG B 76 -1.12 -12.17 -24.82
CA ARG B 76 -0.35 -13.12 -25.61
C ARG B 76 0.25 -14.17 -24.68
N SER B 77 0.05 -15.44 -25.02
CA SER B 77 0.64 -16.51 -24.23
C SER B 77 2.10 -16.70 -24.62
N PRO B 78 3.02 -16.81 -23.65
CA PRO B 78 4.42 -17.11 -23.99
C PRO B 78 4.61 -18.51 -24.55
N TRP B 79 3.64 -19.41 -24.33
CA TRP B 79 3.79 -20.80 -24.74
C TRP B 79 3.35 -21.00 -26.18
N SER B 80 2.16 -20.51 -26.54
CA SER B 80 1.63 -20.67 -27.88
C SER B 80 1.86 -19.46 -28.78
N ASN B 81 2.24 -18.31 -28.21
CA ASN B 81 2.48 -17.09 -28.97
C ASN B 81 1.20 -16.58 -29.64
N LYS B 82 0.05 -16.82 -29.00
CA LYS B 82 -1.23 -16.39 -29.54
C LYS B 82 -1.97 -15.56 -28.51
N TYR B 83 -2.81 -14.64 -29.01
CA TYR B 83 -3.58 -13.76 -28.14
C TYR B 83 -4.89 -14.43 -27.77
N ASP B 84 -5.31 -14.22 -26.53
CA ASP B 84 -6.60 -14.67 -26.04
C ASP B 84 -7.28 -13.46 -25.42
N PRO B 85 -8.45 -13.01 -25.92
CA PRO B 85 -9.18 -13.48 -27.11
C PRO B 85 -8.39 -13.24 -28.37
N PRO B 86 -8.74 -13.94 -29.45
CA PRO B 86 -8.01 -13.78 -30.71
C PRO B 86 -7.91 -12.32 -31.13
N LEU B 87 -6.82 -12.02 -31.81
CA LEU B 87 -6.51 -10.68 -32.30
C LEU B 87 -5.85 -10.85 -33.64
N GLU B 88 -6.42 -10.24 -34.68
CA GLU B 88 -5.89 -10.41 -36.04
C GLU B 88 -4.70 -9.51 -36.34
N ASP B 89 -4.35 -8.58 -35.45
CA ASP B 89 -3.26 -7.65 -35.73
C ASP B 89 -2.55 -7.26 -34.45
N GLY B 90 -2.40 -8.21 -33.53
CA GLY B 90 -1.79 -7.91 -32.26
C GLY B 90 -0.29 -7.74 -32.35
N ALA B 91 0.26 -6.98 -31.40
CA ALA B 91 1.70 -6.80 -31.31
C ALA B 91 2.39 -8.15 -31.10
N MET B 92 3.38 -8.43 -31.95
CA MET B 92 4.09 -9.69 -31.93
C MET B 92 5.59 -9.45 -31.97
N PRO B 93 6.38 -10.26 -31.29
CA PRO B 93 7.84 -10.20 -31.49
C PRO B 93 8.20 -10.72 -32.88
N SER B 94 9.38 -10.31 -33.33
CA SER B 94 9.91 -10.84 -34.58
C SER B 94 10.19 -12.34 -34.45
N ALA B 95 10.33 -13.01 -35.60
CA ALA B 95 10.61 -14.44 -35.61
C ALA B 95 11.91 -14.75 -34.87
N ARG B 96 12.95 -13.94 -35.11
CA ARG B 96 14.21 -14.13 -34.40
C ARG B 96 14.04 -13.91 -32.91
N LEU B 97 13.34 -12.83 -32.51
CA LEU B 97 13.18 -12.56 -31.09
C LEU B 97 12.27 -13.58 -30.41
N ARG B 98 11.27 -14.10 -31.13
CA ARG B 98 10.40 -15.12 -30.57
C ARG B 98 11.19 -16.38 -30.20
N LYS B 99 12.18 -16.74 -31.02
CA LYS B 99 13.04 -17.88 -30.69
C LYS B 99 13.78 -17.65 -29.38
N LEU B 100 14.32 -16.45 -29.18
CA LEU B 100 14.94 -16.12 -27.91
C LEU B 100 13.92 -16.16 -26.79
N GLU B 101 12.71 -15.66 -27.05
CA GLU B 101 11.67 -15.62 -26.02
C GLU B 101 11.29 -17.03 -25.56
N VAL B 102 11.25 -17.97 -26.50
CA VAL B 102 10.95 -19.35 -26.13
C VAL B 102 12.04 -19.89 -25.22
N GLU B 103 13.32 -19.73 -25.61
CA GLU B 103 14.40 -20.23 -24.78
C GLU B 103 14.42 -19.56 -23.42
N ALA B 104 14.16 -18.25 -23.39
CA ALA B 104 14.14 -17.55 -22.12
C ALA B 104 13.03 -18.09 -21.21
N ASN B 105 11.87 -18.39 -21.78
CA ASN B 105 10.77 -18.93 -20.97
C ASN B 105 11.14 -20.28 -20.39
N ASN B 106 11.78 -21.14 -21.18
CA ASN B 106 12.21 -22.44 -20.66
C ASN B 106 13.24 -22.26 -19.56
N ALA B 107 14.20 -21.35 -19.77
CA ALA B 107 15.25 -21.15 -18.78
C ALA B 107 14.69 -20.61 -17.47
N PHE B 108 13.77 -19.63 -17.54
CA PHE B 108 13.25 -19.05 -16.30
C PHE B 108 12.18 -19.90 -15.67
N ASP B 109 11.60 -20.84 -16.41
CA ASP B 109 10.77 -21.85 -15.76
C ASP B 109 11.63 -22.74 -14.85
N GLN B 110 12.85 -23.05 -15.28
CA GLN B 110 13.77 -23.80 -14.43
C GLN B 110 14.25 -22.96 -13.25
N TYR B 111 14.59 -21.70 -13.50
CA TYR B 111 14.87 -20.77 -12.40
C TYR B 111 13.74 -20.76 -11.39
N ARG B 112 12.50 -20.64 -11.88
CA ARG B 112 11.34 -20.64 -10.98
C ARG B 112 11.31 -21.91 -10.14
N ASP B 113 11.43 -23.07 -10.78
CA ASP B 113 11.34 -24.34 -10.06
C ASP B 113 12.40 -24.43 -8.97
N LEU B 114 13.62 -23.98 -9.26
CA LEU B 114 14.72 -24.14 -8.33
C LEU B 114 14.63 -23.17 -7.15
N TYR B 115 14.21 -21.93 -7.38
CA TYR B 115 14.16 -20.94 -6.30
C TYR B 115 12.80 -20.88 -5.61
N PHE B 116 11.72 -21.24 -6.30
CA PHE B 116 10.37 -21.15 -5.76
C PHE B 116 9.67 -22.48 -5.60
N GLU B 117 10.15 -23.56 -6.25
CA GLU B 117 9.56 -24.89 -6.10
C GLU B 117 8.05 -24.86 -6.28
N GLY B 118 7.59 -24.01 -7.18
CA GLY B 118 6.16 -23.87 -7.42
C GLY B 118 5.90 -22.58 -8.16
N GLY B 119 4.66 -22.11 -8.04
CA GLY B 119 4.27 -20.88 -8.71
C GLY B 119 4.28 -20.99 -10.23
N VAL B 120 4.28 -19.82 -10.86
CA VAL B 120 4.17 -19.68 -12.31
C VAL B 120 5.16 -18.62 -12.77
N SER B 121 5.69 -18.79 -13.98
CA SER B 121 6.56 -17.80 -14.58
C SER B 121 6.15 -17.52 -16.02
N SER B 122 6.56 -16.35 -16.51
CA SER B 122 6.40 -15.99 -17.92
C SER B 122 7.46 -14.97 -18.31
N VAL B 123 7.91 -15.06 -19.56
CA VAL B 123 8.85 -14.11 -20.13
C VAL B 123 8.26 -13.59 -21.43
N TYR B 124 8.29 -12.28 -21.61
CA TYR B 124 7.84 -11.61 -22.82
C TYR B 124 8.93 -10.69 -23.29
N LEU B 125 9.29 -10.79 -24.55
CA LEU B 125 10.30 -9.93 -25.15
C LEU B 125 9.63 -9.06 -26.21
N TRP B 126 10.20 -7.88 -26.45
CA TRP B 126 9.77 -7.06 -27.58
C TRP B 126 10.98 -6.38 -28.19
N ASP B 127 10.90 -6.15 -29.51
CA ASP B 127 12.05 -5.66 -30.27
C ASP B 127 12.29 -4.19 -30.02
N LEU B 128 13.56 -3.81 -30.08
CA LEU B 128 14.02 -2.43 -30.06
C LEU B 128 15.01 -2.25 -31.20
N ASP B 129 15.28 -0.99 -31.54
CA ASP B 129 16.02 -0.70 -32.76
C ASP B 129 17.38 -1.40 -32.78
N HIS B 130 18.17 -1.25 -31.71
CA HIS B 130 19.49 -1.89 -31.67
C HIS B 130 19.57 -2.84 -30.48
N GLY B 131 18.55 -3.68 -30.32
CA GLY B 131 18.49 -4.57 -29.18
C GLY B 131 17.07 -4.96 -28.88
N PHE B 132 16.75 -5.10 -27.61
CA PHE B 132 15.44 -5.57 -27.19
C PHE B 132 15.27 -5.33 -25.70
N ALA B 133 14.02 -5.46 -25.26
CA ALA B 133 13.66 -5.39 -23.86
C ALA B 133 12.80 -6.59 -23.53
N GLY B 134 12.66 -6.88 -22.24
CA GLY B 134 11.85 -8.01 -21.83
C GLY B 134 11.39 -7.85 -20.41
N VAL B 135 10.37 -8.62 -20.06
CA VAL B 135 9.94 -8.73 -18.67
C VAL B 135 9.97 -10.20 -18.28
N ILE B 136 10.45 -10.45 -17.06
CA ILE B 136 10.43 -11.77 -16.45
C ILE B 136 9.49 -11.70 -15.27
N LEU B 137 8.44 -12.51 -15.30
CA LEU B 137 7.41 -12.49 -14.29
C LEU B 137 7.42 -13.79 -13.50
N ILE B 138 7.29 -13.68 -12.18
CA ILE B 138 7.15 -14.86 -11.32
C ILE B 138 6.09 -14.56 -10.27
N LYS B 139 5.17 -15.50 -10.07
CA LYS B 139 4.16 -15.40 -9.04
C LYS B 139 4.16 -16.69 -8.23
N LYS B 140 4.23 -16.56 -6.91
CA LYS B 140 4.21 -17.70 -5.99
C LYS B 140 3.35 -17.34 -4.79
N ALA B 141 2.34 -18.16 -4.52
CA ALA B 141 1.51 -18.08 -3.33
C ALA B 141 1.94 -19.13 -2.32
N GLY B 142 1.80 -18.80 -1.04
CA GLY B 142 2.13 -19.71 0.04
C GLY B 142 1.02 -20.71 0.30
N ASP B 143 1.15 -21.40 1.44
CA ASP B 143 0.23 -22.48 1.76
C ASP B 143 -1.13 -21.93 2.16
N GLY B 144 -2.18 -22.31 1.41
CA GLY B 144 -3.52 -21.89 1.74
C GLY B 144 -4.11 -22.59 2.94
N SER B 145 -3.46 -23.66 3.39
CA SER B 145 -3.84 -24.34 4.62
C SER B 145 -3.48 -23.52 5.87
N LYS B 146 -2.77 -22.42 5.74
CA LYS B 146 -2.24 -21.68 6.88
C LYS B 146 -3.04 -20.41 7.12
N LYS B 147 -3.23 -20.07 8.40
CA LYS B 147 -3.99 -18.87 8.74
C LYS B 147 -3.28 -17.61 8.25
N ILE B 148 -1.95 -17.62 8.21
CA ILE B 148 -1.17 -16.51 7.67
C ILE B 148 -0.82 -16.84 6.23
N LYS B 149 -1.34 -16.04 5.31
CA LYS B 149 -1.16 -16.23 3.88
C LYS B 149 -0.08 -15.29 3.34
N GLY B 150 0.56 -15.72 2.25
CA GLY B 150 1.56 -14.90 1.60
C GLY B 150 1.54 -15.09 0.09
N CYS B 151 2.08 -14.09 -0.59
CA CYS B 151 2.16 -14.11 -2.05
C CYS B 151 3.32 -13.24 -2.50
N TRP B 152 4.01 -13.69 -3.54
CA TRP B 152 5.21 -13.05 -4.08
C TRP B 152 5.04 -12.84 -5.58
N ASP B 153 5.21 -11.60 -6.03
CA ASP B 153 5.21 -11.22 -7.44
C ASP B 153 6.57 -10.65 -7.80
N SER B 154 7.28 -11.27 -8.76
CA SER B 154 8.48 -10.69 -9.33
C SER B 154 8.16 -10.01 -10.66
N ILE B 155 8.65 -8.79 -10.84
CA ILE B 155 8.48 -8.05 -12.08
C ILE B 155 9.85 -7.49 -12.45
N HIS B 156 10.53 -8.16 -13.38
CA HIS B 156 11.87 -7.79 -13.83
C HIS B 156 11.77 -7.24 -15.25
N VAL B 157 12.09 -5.96 -15.43
CA VAL B 157 12.17 -5.39 -16.76
C VAL B 157 13.64 -5.21 -17.12
N VAL B 158 14.04 -5.80 -18.25
CA VAL B 158 15.41 -5.76 -18.72
C VAL B 158 15.41 -5.06 -20.07
N GLU B 159 16.36 -4.16 -20.25
CA GLU B 159 16.55 -3.42 -21.49
C GLU B 159 17.97 -3.71 -21.97
N VAL B 160 18.10 -4.22 -23.19
CA VAL B 160 19.37 -4.73 -23.71
C VAL B 160 19.72 -3.90 -24.94
N GLN B 161 20.82 -3.15 -24.85
CA GLN B 161 21.37 -2.42 -25.98
C GLN B 161 22.54 -3.22 -26.52
N GLU B 162 22.35 -3.84 -27.68
CA GLU B 162 23.33 -4.75 -28.25
C GLU B 162 24.37 -3.96 -29.05
N LYS B 163 25.63 -4.42 -28.97
CA LYS B 163 26.72 -3.92 -29.79
C LYS B 163 27.36 -5.13 -30.48
N SER B 164 26.67 -5.67 -31.49
CA SER B 164 27.07 -6.94 -32.07
C SER B 164 28.46 -6.87 -32.70
N SER B 165 28.85 -5.71 -33.24
CA SER B 165 30.17 -5.60 -33.85
C SER B 165 31.26 -5.81 -32.80
N GLY B 166 31.01 -5.40 -31.57
CA GLY B 166 31.91 -5.69 -30.47
C GLY B 166 31.56 -6.96 -29.71
N ARG B 167 30.48 -7.63 -30.09
CA ARG B 167 30.03 -8.87 -29.45
C ARG B 167 29.89 -8.66 -27.93
N THR B 168 29.36 -7.49 -27.56
CA THR B 168 28.97 -7.18 -26.20
C THR B 168 27.56 -6.61 -26.22
N ALA B 169 26.98 -6.45 -25.03
CA ALA B 169 25.71 -5.76 -24.90
C ALA B 169 25.70 -5.05 -23.55
N HIS B 170 24.87 -4.02 -23.44
CA HIS B 170 24.64 -3.33 -22.18
C HIS B 170 23.27 -3.71 -21.65
N TYR B 171 23.22 -4.11 -20.38
CA TYR B 171 21.99 -4.53 -19.74
C TYR B 171 21.58 -3.53 -18.67
N LYS B 172 20.29 -3.20 -18.65
CA LYS B 172 19.69 -2.37 -17.62
C LYS B 172 18.52 -3.16 -17.05
N LEU B 173 18.55 -3.43 -15.74
CA LEU B 173 17.54 -4.23 -15.05
C LEU B 173 16.84 -3.38 -13.99
N THR B 174 15.52 -3.27 -14.10
CA THR B 174 14.68 -2.63 -13.10
C THR B 174 13.75 -3.69 -12.55
N SER B 175 13.89 -4.00 -11.26
CA SER B 175 13.25 -5.15 -10.65
C SER B 175 12.34 -4.71 -9.51
N THR B 176 11.07 -5.09 -9.59
CA THR B 176 10.12 -4.93 -8.51
C THR B 176 9.75 -6.30 -7.96
N VAL B 177 9.72 -6.43 -6.64
CA VAL B 177 9.08 -7.56 -6.00
C VAL B 177 7.97 -7.03 -5.12
N MET B 178 6.76 -7.53 -5.35
CA MET B 178 5.59 -7.20 -4.56
C MET B 178 5.37 -8.35 -3.59
N LEU B 179 5.32 -8.04 -2.30
CA LEU B 179 5.21 -9.04 -1.26
C LEU B 179 3.99 -8.72 -0.43
N TRP B 180 3.13 -9.73 -0.25
CA TRP B 180 1.81 -9.56 0.35
C TRP B 180 1.64 -10.61 1.43
N LEU B 181 1.33 -10.18 2.66
CA LEU B 181 1.04 -11.08 3.76
C LEU B 181 -0.23 -10.61 4.46
N GLN B 182 -1.04 -11.58 4.89
CA GLN B 182 -2.37 -11.25 5.37
C GLN B 182 -2.84 -12.32 6.34
N THR B 183 -3.55 -11.89 7.37
CA THR B 183 -4.17 -12.85 8.27
C THR B 183 -5.33 -12.18 9.00
N ASN B 184 -6.28 -13.00 9.40
CA ASN B 184 -7.37 -12.62 10.29
C ASN B 184 -7.42 -13.67 11.40
N LYS B 185 -6.57 -13.49 12.41
CA LYS B 185 -6.54 -14.33 13.59
C LYS B 185 -7.27 -13.64 14.74
N THR B 186 -7.55 -14.42 15.78
CA THR B 186 -8.29 -13.92 16.93
C THR B 186 -7.53 -12.82 17.66
N GLY B 187 -6.21 -12.94 17.76
CA GLY B 187 -5.43 -12.05 18.59
C GLY B 187 -5.16 -10.69 17.98
N SER B 188 -4.79 -10.67 16.71
CA SER B 188 -4.44 -9.45 16.01
C SER B 188 -5.59 -8.87 15.19
N GLY B 189 -6.75 -9.53 15.18
CA GLY B 189 -7.75 -9.15 14.21
C GLY B 189 -7.18 -9.23 12.81
N THR B 190 -7.51 -8.25 11.99
CA THR B 190 -7.09 -8.26 10.59
C THR B 190 -5.74 -7.56 10.45
N MET B 191 -4.83 -8.21 9.74
CA MET B 191 -3.46 -7.73 9.57
C MET B 191 -3.06 -7.92 8.12
N ASN B 192 -2.82 -6.82 7.42
CA ASN B 192 -2.45 -6.84 6.00
C ASN B 192 -1.14 -6.07 5.84
N LEU B 193 -0.07 -6.80 5.51
CA LEU B 193 1.26 -6.24 5.30
C LEU B 193 1.64 -6.48 3.84
N GLY B 194 1.61 -5.43 3.03
CA GLY B 194 1.75 -5.59 1.60
C GLY B 194 2.36 -4.37 0.94
N GLY B 195 2.82 -4.58 -0.29
CA GLY B 195 3.51 -3.53 -1.00
C GLY B 195 4.64 -4.08 -1.85
N SER B 196 5.66 -3.26 -2.09
CA SER B 196 6.70 -3.63 -3.03
C SER B 196 7.94 -2.78 -2.82
N LEU B 197 9.07 -3.32 -3.25
CA LEU B 197 10.32 -2.59 -3.37
C LEU B 197 10.85 -2.73 -4.79
N THR B 198 11.55 -1.69 -5.25
CA THR B 198 12.10 -1.65 -6.60
C THR B 198 13.56 -1.25 -6.54
N ARG B 199 14.39 -1.94 -7.31
CA ARG B 199 15.82 -1.68 -7.38
C ARG B 199 16.25 -1.76 -8.83
N GLN B 200 17.43 -1.23 -9.11
CA GLN B 200 17.93 -1.18 -10.47
C GLN B 200 19.43 -1.47 -10.52
N MET B 201 19.84 -2.18 -11.56
CA MET B 201 21.24 -2.49 -11.83
CA MET B 201 21.25 -2.42 -11.83
C MET B 201 21.51 -2.29 -13.31
N GLU B 202 22.75 -2.01 -13.65
CA GLU B 202 23.20 -1.91 -15.04
C GLU B 202 24.57 -2.56 -15.14
N LYS B 203 24.83 -3.21 -16.28
CA LYS B 203 26.11 -3.87 -16.44
C LYS B 203 26.35 -4.16 -17.91
N ASP B 204 27.63 -4.14 -18.29
CA ASP B 204 28.08 -4.56 -19.60
C ASP B 204 28.61 -5.99 -19.53
N GLU B 205 28.34 -6.76 -20.58
CA GLU B 205 28.84 -8.13 -20.64
C GLU B 205 29.18 -8.49 -22.08
N THR B 206 30.07 -9.46 -22.19
CA THR B 206 30.30 -10.16 -23.45
C THR B 206 29.10 -11.06 -23.76
N VAL B 207 28.80 -11.20 -25.05
CA VAL B 207 27.71 -12.03 -25.52
C VAL B 207 28.31 -13.08 -26.46
N SER B 208 28.24 -14.35 -26.08
CA SER B 208 28.86 -15.42 -26.84
C SER B 208 28.17 -16.75 -26.53
N ASP B 209 28.61 -17.79 -27.24
CA ASP B 209 28.12 -19.14 -27.01
C ASP B 209 28.28 -19.53 -25.54
N SER B 210 29.39 -19.15 -24.90
CA SER B 210 29.64 -19.52 -23.51
C SER B 210 29.00 -18.57 -22.51
N SER B 211 28.53 -17.41 -22.95
CA SER B 211 27.82 -16.47 -22.07
C SER B 211 26.75 -15.76 -22.89
N PRO B 212 25.68 -16.46 -23.25
CA PRO B 212 24.64 -15.85 -24.08
C PRO B 212 23.74 -14.92 -23.26
N HIS B 213 22.85 -14.23 -23.99
CA HIS B 213 21.96 -13.25 -23.36
C HIS B 213 21.22 -13.85 -22.16
N ILE B 214 20.69 -15.07 -22.31
CA ILE B 214 19.86 -15.60 -21.24
C ILE B 214 20.70 -15.85 -20.00
N ALA B 215 21.98 -16.21 -20.17
CA ALA B 215 22.85 -16.39 -19.02
C ALA B 215 23.24 -15.05 -18.40
N ASN B 216 23.52 -14.05 -19.25
CA ASN B 216 23.82 -12.72 -18.73
C ASN B 216 22.62 -12.16 -17.97
N ILE B 217 21.42 -12.34 -18.52
CA ILE B 217 20.20 -11.83 -17.89
C ILE B 217 19.85 -12.67 -16.67
N GLY B 218 20.01 -13.99 -16.76
CA GLY B 218 19.66 -14.84 -15.64
C GLY B 218 20.45 -14.49 -14.41
N ARG B 219 21.76 -14.30 -14.57
CA ARG B 219 22.64 -14.00 -13.45
C ARG B 219 22.26 -12.69 -12.79
N LEU B 220 21.89 -11.69 -13.60
CA LEU B 220 21.44 -10.42 -13.06
C LEU B 220 20.16 -10.60 -12.25
N VAL B 221 19.17 -11.29 -12.84
CA VAL B 221 17.91 -11.52 -12.15
C VAL B 221 18.15 -12.29 -10.86
N GLU B 222 19.03 -13.28 -10.90
CA GLU B 222 19.32 -14.07 -9.71
C GLU B 222 19.95 -13.20 -8.62
N ASP B 223 20.99 -12.45 -8.97
CA ASP B 223 21.64 -11.59 -8.00
C ASP B 223 20.67 -10.58 -7.41
N MET B 224 19.87 -9.96 -8.28
CA MET B 224 18.90 -8.97 -7.83
C MET B 224 17.86 -9.59 -6.88
N GLU B 225 17.31 -10.74 -7.25
CA GLU B 225 16.28 -11.34 -6.42
C GLU B 225 16.84 -11.83 -5.09
N ASN B 226 18.07 -12.35 -5.09
CA ASN B 226 18.67 -12.75 -3.83
C ASN B 226 18.86 -11.53 -2.92
N LYS B 227 19.27 -10.40 -3.48
CA LYS B 227 19.41 -9.18 -2.70
C LYS B 227 18.06 -8.65 -2.22
N ILE B 228 17.08 -8.55 -3.12
CA ILE B 228 15.78 -8.00 -2.74
C ILE B 228 15.12 -8.88 -1.67
N ARG B 229 15.23 -10.20 -1.80
CA ARG B 229 14.66 -11.08 -0.77
C ARG B 229 15.19 -10.71 0.62
N SER B 230 16.50 -10.47 0.72
CA SER B 230 17.08 -10.12 2.01
C SER B 230 16.61 -8.76 2.49
N THR B 231 16.49 -7.80 1.58
CA THR B 231 15.98 -6.48 1.94
C THR B 231 14.52 -6.54 2.37
N LEU B 232 13.71 -7.33 1.66
CA LEU B 232 12.31 -7.49 2.04
C LEU B 232 12.17 -8.07 3.44
N ASN B 233 12.95 -9.11 3.74
CA ASN B 233 12.93 -9.68 5.08
C ASN B 233 13.25 -8.62 6.12
N GLU B 234 14.27 -7.79 5.87
CA GLU B 234 14.62 -6.75 6.83
C GLU B 234 13.52 -5.70 6.94
N ILE B 235 13.02 -5.20 5.80
CA ILE B 235 12.10 -4.07 5.85
C ILE B 235 10.73 -4.49 6.37
N TYR B 236 10.19 -5.60 5.88
CA TYR B 236 8.87 -6.04 6.29
C TYR B 236 8.84 -6.46 7.76
N PHE B 237 9.71 -7.37 8.14
CA PHE B 237 9.63 -8.02 9.44
C PHE B 237 10.54 -7.40 10.49
N GLY B 238 11.44 -6.52 10.08
CA GLY B 238 12.24 -5.79 11.04
C GLY B 238 11.75 -4.36 11.17
N LYS B 239 11.86 -3.58 10.09
CA LYS B 239 11.60 -2.15 10.17
C LYS B 239 10.13 -1.84 10.48
N THR B 240 9.18 -2.45 9.75
CA THR B 240 7.79 -2.02 9.99
C THR B 240 7.32 -2.46 11.36
N LYS B 241 7.83 -3.59 11.86
CA LYS B 241 7.52 -4.00 13.23
C LYS B 241 8.11 -3.05 14.26
N ASP B 242 9.36 -2.66 14.07
CA ASP B 242 9.95 -1.67 14.97
C ASP B 242 9.18 -0.36 14.93
N ILE B 243 8.62 0.02 13.79
CA ILE B 243 7.80 1.23 13.74
C ILE B 243 6.56 1.04 14.60
N VAL B 244 5.84 -0.07 14.42
CA VAL B 244 4.67 -0.36 15.26
C VAL B 244 5.01 -0.17 16.74
N ASN B 245 6.04 -0.87 17.21
CA ASN B 245 6.35 -0.84 18.62
C ASN B 245 6.90 0.50 19.07
N GLY B 246 7.33 1.35 18.14
CA GLY B 246 7.62 2.72 18.49
C GLY B 246 6.39 3.59 18.64
N LEU B 247 5.24 3.10 18.19
CA LEU B 247 4.00 3.84 18.34
C LEU B 247 3.42 3.69 19.74
N ARG B 248 3.69 2.56 20.39
CA ARG B 248 3.13 2.26 21.70
C ARG B 248 4.18 1.52 22.53
N LEU C 8 10.56 12.26 -3.74
CA LEU C 8 10.75 10.89 -4.18
C LEU C 8 11.25 10.81 -5.61
N THR C 9 12.09 9.81 -5.88
CA THR C 9 12.54 9.47 -7.23
C THR C 9 11.92 8.14 -7.62
N HIS C 10 11.76 7.94 -8.93
CA HIS C 10 10.98 6.83 -9.46
C HIS C 10 11.80 6.08 -10.50
N PHE C 11 12.32 4.90 -10.13
CA PHE C 11 13.00 4.08 -11.13
C PHE C 11 12.07 3.76 -12.29
N VAL C 12 10.76 3.69 -12.02
CA VAL C 12 9.84 3.23 -13.04
C VAL C 12 9.54 4.29 -14.09
N ARG C 13 9.86 5.57 -13.84
CA ARG C 13 9.50 6.60 -14.80
C ARG C 13 10.18 6.36 -16.13
N GLU C 14 11.49 6.04 -16.11
CA GLU C 14 12.23 5.80 -17.34
C GLU C 14 12.35 4.32 -17.69
N ARG C 15 11.67 3.44 -16.93
CA ARG C 15 11.67 2.02 -17.25
C ARG C 15 11.05 1.77 -18.62
N ALA C 16 11.69 0.92 -19.40
CA ALA C 16 11.24 0.66 -20.77
C ALA C 16 9.76 0.32 -20.79
N GLN C 17 9.04 0.92 -21.73
CA GLN C 17 7.63 0.63 -21.92
C GLN C 17 7.46 -0.37 -23.05
N GLY C 18 6.32 -1.05 -23.05
CA GLY C 18 6.02 -2.00 -24.09
C GLY C 18 5.88 -1.32 -25.44
N PRO C 19 5.57 -2.13 -26.46
CA PRO C 19 5.49 -1.58 -27.82
C PRO C 19 4.48 -0.45 -27.93
N ARG C 20 4.76 0.48 -28.83
CA ARG C 20 3.85 1.58 -29.09
C ARG C 20 2.67 1.11 -29.95
N GLY C 21 1.60 1.88 -29.92
CA GLY C 21 0.51 1.70 -30.87
C GLY C 21 -0.41 0.55 -30.60
N ARG C 22 -0.43 0.04 -29.37
CA ARG C 22 -1.32 -1.05 -29.03
C ARG C 22 -2.67 -0.48 -28.60
N ARG C 23 -3.71 -1.25 -28.84
CA ARG C 23 -5.04 -0.86 -28.42
C ARG C 23 -5.11 -0.75 -26.91
N LEU C 24 -5.89 0.20 -26.43
CA LEU C 24 -6.11 0.36 -25.01
C LEU C 24 -7.18 -0.61 -24.52
N PRO C 25 -7.18 -0.93 -23.22
CA PRO C 25 -8.27 -1.75 -22.69
C PRO C 25 -9.59 -1.01 -22.73
N ALA C 26 -10.68 -1.76 -22.92
CA ALA C 26 -11.98 -1.15 -23.12
C ALA C 26 -12.40 -0.29 -21.93
N HIS C 27 -12.19 -0.77 -20.69
CA HIS C 27 -12.65 0.00 -19.54
C HIS C 27 -11.93 1.34 -19.45
N LEU C 28 -10.75 1.46 -20.05
CA LEU C 28 -10.06 2.74 -20.09
C LEU C 28 -10.38 3.52 -21.36
N GLN C 29 -10.70 2.84 -22.47
CA GLN C 29 -11.20 3.55 -23.64
C GLN C 29 -12.37 4.46 -23.28
N ALA C 30 -13.27 3.96 -22.43
CA ALA C 30 -14.44 4.75 -22.02
C ALA C 30 -14.07 6.00 -21.25
N LYS C 31 -12.82 6.13 -20.80
CA LYS C 31 -12.36 7.29 -20.05
C LYS C 31 -11.64 8.31 -20.92
N ILE C 32 -11.42 8.00 -22.18
CA ILE C 32 -10.73 8.91 -23.10
C ILE C 32 -11.71 9.96 -23.61
#